data_8BAW
#
_entry.id   8BAW
#
_cell.length_a   67.395
_cell.length_b   34.432
_cell.length_c   119.109
_cell.angle_alpha   90.000
_cell.angle_beta   92.889
_cell.angle_gamma   90.000
#
_symmetry.space_group_name_H-M   'P 1 21 1'
#
loop_
_entity.id
_entity.type
_entity.pdbx_description
1 polymer 'Siderophore ABC transporter substrate-binding protein'
2 non-polymer 'FE (III) ION'
3 non-polymer "N,N'-pentane-1,5-diylbis(2,3-dihydroxybenzamide)"
4 water water
#
_entity_poly.entity_id   1
_entity_poly.type   'polypeptide(L)'
_entity_poly.pdbx_seq_one_letter_code
;CGNKENASNGASGKNDEKKTEQAEEMTIKHQLGEAKVKKNPEKVVVFDFGVLDTLDKLGVKVTALPQMNVPKYLEKYKSS
DYQNVGSLMEPDFEKLSEIKPDVIFISGRQANLYDKLKEIGPTVYIGIDTQHYWDSFTNNMKLIGQMFGKEKEVDEELAN
IEKQIEEVKTKAADKKALIILTTGGKVSAYGKGSRFGLIHDVLGVPAADPNLKVTNPHGQSVSFEYIAEKNPDYLFVIDR
DAVVEGKPTAKQTIENALVKKTKAYQNGHIVYLDPNYWYLSGGGLTSVSEMIKQVEEGLK
;
_entity_poly.pdbx_strand_id   A,B
#
# COMPACT_ATOMS: atom_id res chain seq x y z
N GLU A 24 5.41 -24.47 -18.47
CA GLU A 24 5.55 -23.88 -19.83
C GLU A 24 4.25 -24.04 -20.64
N GLU A 25 3.47 -25.13 -20.44
CA GLU A 25 2.09 -25.17 -20.91
C GLU A 25 1.14 -25.11 -19.70
N MET A 26 0.15 -24.22 -19.77
CA MET A 26 -0.82 -24.02 -18.70
C MET A 26 -2.10 -24.79 -19.03
N THR A 27 -2.69 -25.45 -18.03
CA THR A 27 -4.00 -26.04 -18.16
C THR A 27 -4.99 -25.15 -17.41
N ILE A 28 -5.92 -24.55 -18.15
CA ILE A 28 -6.80 -23.57 -17.55
C ILE A 28 -8.23 -24.07 -17.59
N LYS A 29 -8.80 -24.27 -16.40
CA LYS A 29 -10.19 -24.67 -16.24
C LYS A 29 -11.06 -23.42 -16.17
N HIS A 30 -11.89 -23.21 -17.19
CA HIS A 30 -12.73 -22.04 -17.21
C HIS A 30 -14.18 -22.48 -17.31
N GLN A 31 -15.09 -21.51 -17.35
CA GLN A 31 -16.50 -21.83 -17.22
C GLN A 31 -17.00 -22.65 -18.41
N LEU A 32 -16.34 -22.57 -19.59
CA LEU A 32 -16.85 -23.24 -20.78
C LEU A 32 -16.05 -24.47 -21.18
N GLY A 33 -15.06 -24.87 -20.40
CA GLY A 33 -14.19 -25.96 -20.79
C GLY A 33 -12.79 -25.81 -20.22
N GLU A 34 -11.84 -26.41 -20.94
CA GLU A 34 -10.45 -26.46 -20.54
C GLU A 34 -9.59 -26.01 -21.70
N ALA A 35 -8.70 -25.06 -21.42
CA ALA A 35 -7.77 -24.55 -22.41
C ALA A 35 -6.34 -24.93 -22.07
N LYS A 36 -5.56 -25.31 -23.08
CA LYS A 36 -4.12 -25.49 -22.90
C LYS A 36 -3.43 -24.29 -23.53
N VAL A 37 -2.74 -23.47 -22.71
CA VAL A 37 -2.10 -22.25 -23.21
C VAL A 37 -0.63 -22.21 -22.80
N LYS A 38 0.22 -21.87 -23.77
CA LYS A 38 1.64 -21.68 -23.49
C LYS A 38 1.80 -20.44 -22.62
N LYS A 39 2.62 -20.56 -21.57
CA LYS A 39 2.95 -19.41 -20.75
C LYS A 39 3.60 -18.36 -21.65
N ASN A 40 3.35 -17.08 -21.32
CA ASN A 40 3.80 -15.95 -22.12
C ASN A 40 3.45 -16.18 -23.59
N PRO A 41 2.15 -16.37 -23.91
CA PRO A 41 1.75 -16.62 -25.30
C PRO A 41 2.09 -15.39 -26.13
N GLU A 42 2.63 -15.65 -27.34
CA GLU A 42 3.15 -14.60 -28.21
C GLU A 42 2.00 -13.78 -28.81
N LYS A 43 1.06 -14.44 -29.50
CA LYS A 43 -0.04 -13.73 -30.15
C LYS A 43 -1.30 -13.80 -29.29
N VAL A 44 -1.67 -12.64 -28.72
CA VAL A 44 -2.78 -12.54 -27.79
C VAL A 44 -3.92 -11.78 -28.46
N VAL A 45 -5.09 -12.42 -28.50
CA VAL A 45 -6.28 -11.84 -29.09
C VAL A 45 -7.34 -11.64 -28.00
N VAL A 46 -8.00 -10.48 -28.00
CA VAL A 46 -8.82 -10.09 -26.86
C VAL A 46 -10.19 -9.65 -27.33
N PHE A 47 -11.26 -10.32 -26.83
CA PHE A 47 -12.65 -9.93 -27.15
C PHE A 47 -13.39 -9.38 -25.93
N ASP A 48 -12.70 -9.30 -24.78
CA ASP A 48 -13.23 -8.71 -23.56
C ASP A 48 -12.45 -7.47 -23.20
N PHE A 49 -13.11 -6.30 -23.11
CA PHE A 49 -12.37 -5.06 -22.91
C PHE A 49 -11.82 -4.92 -21.49
N GLY A 50 -12.42 -5.57 -20.49
CA GLY A 50 -11.82 -5.63 -19.16
C GLY A 50 -10.44 -6.30 -19.19
N VAL A 51 -10.33 -7.45 -19.89
CA VAL A 51 -9.03 -8.08 -20.07
C VAL A 51 -8.10 -7.16 -20.86
N LEU A 52 -8.62 -6.47 -21.88
CA LEU A 52 -7.77 -5.55 -22.63
C LEU A 52 -7.18 -4.48 -21.70
N ASP A 53 -8.01 -3.89 -20.82
CA ASP A 53 -7.49 -2.81 -19.96
C ASP A 53 -6.53 -3.38 -18.92
N THR A 54 -6.71 -4.66 -18.57
CA THR A 54 -5.81 -5.34 -17.65
C THR A 54 -4.42 -5.49 -18.29
N LEU A 55 -4.36 -5.99 -19.52
CA LEU A 55 -3.12 -6.15 -20.27
C LEU A 55 -2.47 -4.78 -20.51
N ASP A 56 -3.27 -3.75 -20.80
CA ASP A 56 -2.76 -2.38 -20.92
C ASP A 56 -2.02 -2.00 -19.64
N LYS A 57 -2.71 -2.14 -18.50
CA LYS A 57 -2.17 -1.74 -17.20
C LYS A 57 -0.86 -2.48 -16.89
N LEU A 58 -0.79 -3.78 -17.26
CA LEU A 58 0.37 -4.61 -16.96
C LEU A 58 1.48 -4.52 -17.99
N GLY A 59 1.26 -3.80 -19.11
CA GLY A 59 2.27 -3.63 -20.14
C GLY A 59 2.45 -4.85 -21.06
N VAL A 60 1.41 -5.68 -21.17
CA VAL A 60 1.42 -6.87 -22.01
C VAL A 60 0.95 -6.50 -23.41
N LYS A 61 1.75 -6.91 -24.41
CA LYS A 61 1.50 -6.60 -25.82
C LYS A 61 0.32 -7.42 -26.35
N VAL A 62 -0.59 -6.76 -27.08
CA VAL A 62 -1.76 -7.37 -27.66
C VAL A 62 -1.61 -7.40 -29.18
N THR A 63 -2.06 -8.51 -29.79
CA THR A 63 -2.02 -8.67 -31.25
C THR A 63 -3.27 -8.13 -31.95
N ALA A 64 -4.46 -8.41 -31.38
CA ALA A 64 -5.69 -8.16 -32.14
C ALA A 64 -6.85 -8.08 -31.16
N LEU A 65 -7.86 -7.32 -31.60
CA LEU A 65 -9.11 -7.12 -30.86
C LEU A 65 -10.16 -6.67 -31.86
N PRO A 66 -11.47 -6.78 -31.52
CA PRO A 66 -12.53 -6.28 -32.37
C PRO A 66 -12.55 -4.75 -32.31
N GLN A 67 -12.22 -4.09 -33.41
CA GLN A 67 -12.06 -2.64 -33.38
C GLN A 67 -13.34 -1.89 -33.75
N MET A 68 -14.46 -2.59 -33.92
N MET A 68 -14.43 -2.60 -34.00
CA MET A 68 -15.67 -1.95 -34.43
CA MET A 68 -15.66 -1.94 -34.42
C MET A 68 -16.30 -1.04 -33.37
C MET A 68 -16.05 -0.91 -33.36
N ASN A 69 -16.08 -1.34 -32.09
CA ASN A 69 -16.60 -0.50 -31.02
C ASN A 69 -15.71 -0.58 -29.80
N VAL A 70 -14.73 0.31 -29.75
CA VAL A 70 -13.74 0.29 -28.69
C VAL A 70 -14.12 1.34 -27.65
N PRO A 71 -14.03 1.05 -26.32
CA PRO A 71 -14.33 2.05 -25.31
C PRO A 71 -13.40 3.26 -25.41
N LYS A 72 -13.94 4.43 -25.07
CA LYS A 72 -13.19 5.67 -25.19
C LYS A 72 -11.82 5.58 -24.49
N TYR A 73 -11.80 5.06 -23.25
CA TYR A 73 -10.57 5.01 -22.51
C TYR A 73 -9.53 4.07 -23.13
N LEU A 74 -9.97 3.15 -24.01
CA LEU A 74 -9.06 2.22 -24.69
C LEU A 74 -8.84 2.61 -26.14
N GLU A 75 -9.08 3.90 -26.47
CA GLU A 75 -9.07 4.33 -27.86
C GLU A 75 -7.71 4.12 -28.53
N LYS A 76 -6.62 3.99 -27.78
CA LYS A 76 -5.35 3.74 -28.44
C LYS A 76 -5.32 2.40 -29.17
N TYR A 77 -6.22 1.48 -28.76
CA TYR A 77 -6.30 0.16 -29.40
C TYR A 77 -7.09 0.21 -30.71
N LYS A 78 -7.56 1.39 -31.12
CA LYS A 78 -8.08 1.58 -32.47
C LYS A 78 -6.95 1.68 -33.50
N SER A 79 -5.71 1.74 -33.05
CA SER A 79 -4.55 1.91 -33.93
C SER A 79 -4.44 0.71 -34.88
N SER A 80 -3.95 0.98 -36.10
CA SER A 80 -3.71 -0.05 -37.10
C SER A 80 -2.54 -0.96 -36.70
N ASP A 81 -1.83 -0.63 -35.64
CA ASP A 81 -0.82 -1.52 -35.05
C ASP A 81 -1.47 -2.80 -34.51
N TYR A 82 -2.78 -2.74 -34.26
CA TYR A 82 -3.56 -3.89 -33.85
C TYR A 82 -4.35 -4.42 -35.02
N GLN A 83 -4.40 -5.75 -35.14
CA GLN A 83 -5.21 -6.35 -36.17
C GLN A 83 -6.67 -6.34 -35.71
N ASN A 84 -7.53 -6.11 -36.69
CA ASN A 84 -8.94 -5.97 -36.45
C ASN A 84 -9.60 -7.33 -36.59
N VAL A 85 -10.12 -7.89 -35.51
CA VAL A 85 -10.78 -9.20 -35.61
C VAL A 85 -12.30 -9.06 -35.46
N GLY A 86 -12.83 -7.89 -35.83
CA GLY A 86 -14.23 -7.72 -36.19
C GLY A 86 -14.97 -6.91 -35.14
N SER A 87 -16.09 -7.48 -34.68
CA SER A 87 -16.94 -6.84 -33.67
C SER A 87 -17.15 -7.79 -32.50
N LEU A 88 -17.72 -7.27 -31.43
CA LEU A 88 -17.89 -8.07 -30.21
C LEU A 88 -18.73 -9.31 -30.47
N MET A 89 -19.73 -9.25 -31.36
CA MET A 89 -20.54 -10.44 -31.57
C MET A 89 -20.36 -11.05 -32.96
N GLU A 90 -19.46 -10.48 -33.76
CA GLU A 90 -19.11 -11.06 -35.05
C GLU A 90 -17.60 -11.05 -35.23
N PRO A 91 -16.90 -12.07 -34.69
CA PRO A 91 -15.48 -12.22 -34.94
C PRO A 91 -15.20 -12.43 -36.42
N ASP A 92 -14.03 -11.94 -36.84
CA ASP A 92 -13.55 -12.16 -38.19
C ASP A 92 -12.76 -13.46 -38.18
N PHE A 93 -13.43 -14.56 -38.52
CA PHE A 93 -12.83 -15.88 -38.38
C PHE A 93 -11.73 -16.06 -39.40
N GLU A 94 -11.90 -15.51 -40.62
CA GLU A 94 -10.84 -15.51 -41.64
C GLU A 94 -9.57 -14.93 -41.04
N LYS A 95 -9.67 -13.71 -40.47
CA LYS A 95 -8.50 -13.02 -39.94
C LYS A 95 -7.90 -13.82 -38.77
N LEU A 96 -8.74 -14.39 -37.88
CA LEU A 96 -8.22 -15.13 -36.74
C LEU A 96 -7.42 -16.33 -37.25
N SER A 97 -7.91 -16.95 -38.33
CA SER A 97 -7.27 -18.10 -38.96
C SER A 97 -5.89 -17.73 -39.48
N GLU A 98 -5.79 -16.52 -40.03
CA GLU A 98 -4.57 -15.98 -40.58
C GLU A 98 -3.56 -15.68 -39.46
N ILE A 99 -4.04 -15.17 -38.32
CA ILE A 99 -3.20 -14.84 -37.17
C ILE A 99 -2.63 -16.09 -36.49
N LYS A 100 -3.46 -17.16 -36.38
CA LYS A 100 -3.12 -18.34 -35.59
C LYS A 100 -2.76 -17.93 -34.15
N PRO A 101 -3.74 -17.42 -33.36
CA PRO A 101 -3.44 -16.94 -32.02
C PRO A 101 -2.92 -18.01 -31.07
N ASP A 102 -2.07 -17.58 -30.14
CA ASP A 102 -1.64 -18.40 -29.01
C ASP A 102 -2.69 -18.40 -27.89
N VAL A 103 -3.53 -17.34 -27.78
CA VAL A 103 -4.62 -17.30 -26.80
C VAL A 103 -5.67 -16.31 -27.32
N ILE A 104 -6.94 -16.68 -27.12
CA ILE A 104 -8.10 -15.85 -27.42
C ILE A 104 -8.89 -15.73 -26.12
N PHE A 105 -9.04 -14.50 -25.63
CA PHE A 105 -9.85 -14.26 -24.44
C PHE A 105 -11.25 -13.79 -24.83
N ILE A 106 -12.26 -14.43 -24.23
CA ILE A 106 -13.65 -14.11 -24.53
C ILE A 106 -14.44 -13.96 -23.22
N SER A 107 -15.59 -13.31 -23.34
CA SER A 107 -16.52 -13.26 -22.22
C SER A 107 -17.93 -13.51 -22.76
N GLY A 108 -18.95 -13.03 -22.03
CA GLY A 108 -20.33 -13.42 -22.27
C GLY A 108 -20.80 -13.25 -23.72
N ARG A 109 -20.45 -12.12 -24.34
CA ARG A 109 -20.93 -11.86 -25.68
C ARG A 109 -20.48 -12.88 -26.72
N GLN A 110 -19.36 -13.57 -26.49
CA GLN A 110 -18.87 -14.56 -27.44
C GLN A 110 -19.07 -16.01 -26.99
N ALA A 111 -19.79 -16.25 -25.90
CA ALA A 111 -19.85 -17.60 -25.36
C ALA A 111 -20.42 -18.60 -26.39
N ASN A 112 -21.42 -18.17 -27.19
CA ASN A 112 -22.05 -19.05 -28.16
C ASN A 112 -21.09 -19.45 -29.29
N LEU A 113 -19.96 -18.73 -29.44
CA LEU A 113 -19.02 -18.96 -30.54
C LEU A 113 -17.78 -19.69 -30.03
N TYR A 114 -17.82 -20.20 -28.79
CA TYR A 114 -16.66 -20.83 -28.19
C TYR A 114 -16.07 -21.94 -29.08
N ASP A 115 -16.92 -22.84 -29.60
CA ASP A 115 -16.39 -23.95 -30.39
C ASP A 115 -15.66 -23.45 -31.65
N LYS A 116 -16.24 -22.46 -32.31
CA LYS A 116 -15.65 -21.93 -33.54
C LYS A 116 -14.31 -21.25 -33.26
N LEU A 117 -14.23 -20.54 -32.13
CA LEU A 117 -12.99 -19.86 -31.77
C LEU A 117 -11.91 -20.87 -31.37
N LYS A 118 -12.30 -21.89 -30.56
CA LYS A 118 -11.37 -22.88 -30.05
C LYS A 118 -10.75 -23.70 -31.19
N GLU A 119 -11.47 -23.81 -32.31
CA GLU A 119 -10.99 -24.49 -33.50
C GLU A 119 -9.79 -23.75 -34.11
N ILE A 120 -9.68 -22.44 -33.82
CA ILE A 120 -8.67 -21.59 -34.44
C ILE A 120 -7.48 -21.42 -33.49
N GLY A 121 -7.78 -21.24 -32.21
CA GLY A 121 -6.72 -21.14 -31.23
C GLY A 121 -7.23 -21.36 -29.81
N PRO A 122 -6.32 -21.56 -28.84
CA PRO A 122 -6.72 -21.74 -27.44
C PRO A 122 -7.59 -20.58 -26.96
N THR A 123 -8.74 -20.94 -26.39
CA THR A 123 -9.78 -19.97 -26.07
C THR A 123 -10.16 -20.08 -24.59
N VAL A 124 -10.01 -18.96 -23.87
CA VAL A 124 -10.25 -18.89 -22.44
C VAL A 124 -11.47 -18.00 -22.21
N TYR A 125 -12.52 -18.56 -21.59
CA TYR A 125 -13.66 -17.76 -21.17
C TYR A 125 -13.30 -17.07 -19.86
N ILE A 126 -13.40 -15.74 -19.83
CA ILE A 126 -12.93 -14.99 -18.70
C ILE A 126 -13.93 -13.89 -18.35
N GLY A 127 -15.21 -14.17 -18.57
CA GLY A 127 -16.27 -13.36 -17.96
C GLY A 127 -16.26 -13.50 -16.45
N ILE A 128 -16.94 -12.58 -15.77
CA ILE A 128 -17.06 -12.63 -14.32
C ILE A 128 -18.30 -13.47 -13.98
N ASP A 129 -18.17 -14.34 -12.97
CA ASP A 129 -19.34 -14.95 -12.34
C ASP A 129 -19.90 -13.98 -11.31
N THR A 130 -21.04 -13.32 -11.62
CA THR A 130 -21.51 -12.20 -10.81
C THR A 130 -22.21 -12.66 -9.52
N GLN A 131 -22.40 -13.98 -9.37
CA GLN A 131 -22.85 -14.55 -8.11
C GLN A 131 -21.72 -14.48 -7.08
N HIS A 132 -20.48 -14.29 -7.55
CA HIS A 132 -19.28 -14.26 -6.72
C HIS A 132 -18.27 -13.25 -7.28
N TYR A 133 -18.69 -11.98 -7.38
CA TYR A 133 -17.98 -11.01 -8.22
C TYR A 133 -16.51 -10.92 -7.82
N TRP A 134 -16.27 -10.67 -6.52
CA TRP A 134 -14.92 -10.41 -6.05
C TRP A 134 -14.03 -11.62 -6.27
N ASP A 135 -14.52 -12.82 -5.93
CA ASP A 135 -13.73 -14.05 -6.04
C ASP A 135 -13.37 -14.28 -7.51
N SER A 136 -14.36 -14.06 -8.38
CA SER A 136 -14.24 -14.36 -9.80
C SER A 136 -13.28 -13.38 -10.46
N PHE A 137 -13.46 -12.10 -10.13
CA PHE A 137 -12.56 -11.04 -10.57
C PHE A 137 -11.12 -11.37 -10.17
N THR A 138 -10.93 -11.67 -8.87
CA THR A 138 -9.64 -12.02 -8.30
C THR A 138 -8.98 -13.15 -9.10
N ASN A 139 -9.73 -14.22 -9.33
CA ASN A 139 -9.21 -15.40 -10.01
C ASN A 139 -8.82 -15.07 -11.46
N ASN A 140 -9.64 -14.26 -12.13
CA ASN A 140 -9.40 -13.90 -13.53
C ASN A 140 -8.11 -13.10 -13.63
N MET A 141 -7.93 -12.16 -12.69
CA MET A 141 -6.77 -11.28 -12.69
C MET A 141 -5.51 -12.08 -12.33
N LYS A 142 -5.62 -12.97 -11.35
CA LYS A 142 -4.50 -13.82 -10.96
C LYS A 142 -4.08 -14.77 -12.08
N LEU A 143 -5.06 -15.26 -12.86
CA LEU A 143 -4.74 -16.07 -14.01
C LEU A 143 -3.88 -15.28 -15.00
N ILE A 144 -4.30 -14.05 -15.31
CA ILE A 144 -3.54 -13.21 -16.21
C ILE A 144 -2.12 -12.99 -15.67
N GLY A 145 -1.99 -12.76 -14.35
CA GLY A 145 -0.68 -12.58 -13.75
C GLY A 145 0.20 -13.81 -14.00
N GLN A 146 -0.37 -15.00 -13.80
CA GLN A 146 0.37 -16.25 -13.99
C GLN A 146 0.78 -16.44 -15.44
N MET A 147 -0.11 -16.06 -16.39
CA MET A 147 0.10 -16.31 -17.80
C MET A 147 1.20 -15.41 -18.38
N PHE A 148 1.42 -14.23 -17.77
CA PHE A 148 2.29 -13.22 -18.35
C PHE A 148 3.43 -12.85 -17.41
N GLY A 149 3.58 -13.59 -16.30
CA GLY A 149 4.62 -13.32 -15.33
C GLY A 149 4.48 -11.94 -14.70
N LYS A 150 3.23 -11.60 -14.34
CA LYS A 150 2.90 -10.29 -13.78
C LYS A 150 2.20 -10.47 -12.43
N GLU A 151 2.52 -11.54 -11.70
CA GLU A 151 1.82 -11.89 -10.48
C GLU A 151 1.97 -10.77 -9.44
N LYS A 152 3.17 -10.21 -9.27
CA LYS A 152 3.33 -9.20 -8.23
C LYS A 152 2.54 -7.93 -8.56
N GLU A 153 2.55 -7.49 -9.84
CA GLU A 153 1.87 -6.25 -10.20
C GLU A 153 0.35 -6.43 -10.11
N VAL A 154 -0.17 -7.61 -10.48
CA VAL A 154 -1.59 -7.88 -10.28
C VAL A 154 -1.98 -7.78 -8.80
N ASP A 155 -1.15 -8.36 -7.91
CA ASP A 155 -1.41 -8.37 -6.47
C ASP A 155 -1.39 -6.95 -5.92
N GLU A 156 -0.44 -6.11 -6.37
CA GLU A 156 -0.40 -4.71 -5.98
C GLU A 156 -1.70 -4.02 -6.39
N GLU A 157 -2.19 -4.26 -7.61
CA GLU A 157 -3.36 -3.52 -8.08
C GLU A 157 -4.62 -4.02 -7.38
N LEU A 158 -4.66 -5.33 -7.10
CA LEU A 158 -5.81 -5.88 -6.39
C LEU A 158 -5.90 -5.30 -4.98
N ALA A 159 -4.74 -5.11 -4.30
CA ALA A 159 -4.70 -4.47 -2.98
C ALA A 159 -5.20 -3.02 -3.03
N ASN A 160 -4.77 -2.27 -4.05
CA ASN A 160 -5.24 -0.91 -4.28
C ASN A 160 -6.76 -0.85 -4.48
N ILE A 161 -7.33 -1.83 -5.19
CA ILE A 161 -8.76 -1.89 -5.44
C ILE A 161 -9.50 -2.25 -4.15
N GLU A 162 -8.93 -3.16 -3.35
CA GLU A 162 -9.54 -3.52 -2.08
C GLU A 162 -9.70 -2.29 -1.20
N LYS A 163 -8.64 -1.44 -1.17
CA LYS A 163 -8.64 -0.19 -0.42
C LYS A 163 -9.79 0.70 -0.90
N GLN A 164 -9.99 0.78 -2.22
CA GLN A 164 -11.10 1.54 -2.80
C GLN A 164 -12.43 1.04 -2.24
N ILE A 165 -12.61 -0.29 -2.22
CA ILE A 165 -13.87 -0.93 -1.89
C ILE A 165 -14.27 -0.64 -0.43
N GLU A 166 -13.33 -0.88 0.47
CA GLU A 166 -13.49 -0.58 1.90
C GLU A 166 -13.95 0.87 2.09
N GLU A 167 -13.29 1.80 1.40
CA GLU A 167 -13.54 3.23 1.55
C GLU A 167 -14.95 3.59 1.06
N VAL A 168 -15.40 2.97 -0.04
CA VAL A 168 -16.71 3.29 -0.57
C VAL A 168 -17.78 2.62 0.30
N LYS A 169 -17.46 1.51 0.96
CA LYS A 169 -18.41 0.83 1.85
C LYS A 169 -18.87 1.75 2.98
N THR A 170 -17.96 2.60 3.48
CA THR A 170 -18.28 3.51 4.57
C THR A 170 -19.24 4.59 4.08
N LYS A 171 -19.15 4.97 2.80
CA LYS A 171 -19.99 6.01 2.20
C LYS A 171 -21.38 5.50 1.84
N ALA A 172 -21.55 4.16 1.76
CA ALA A 172 -22.68 3.55 1.08
C ALA A 172 -23.82 3.22 2.05
N ALA A 173 -23.58 3.40 3.36
CA ALA A 173 -24.54 2.98 4.37
C ALA A 173 -25.83 3.78 4.23
N ASP A 174 -26.97 3.07 4.17
CA ASP A 174 -28.30 3.64 4.23
C ASP A 174 -28.68 4.35 2.93
N LYS A 175 -27.90 4.17 1.86
CA LYS A 175 -28.20 4.89 0.63
C LYS A 175 -28.81 3.90 -0.36
N LYS A 176 -30.14 3.74 -0.30
CA LYS A 176 -30.79 2.70 -1.07
C LYS A 176 -30.79 3.10 -2.55
N ALA A 177 -30.40 2.15 -3.41
CA ALA A 177 -30.17 2.45 -4.82
C ALA A 177 -30.88 1.44 -5.72
N LEU A 178 -31.33 1.95 -6.87
CA LEU A 178 -31.85 1.14 -7.96
C LEU A 178 -30.92 1.35 -9.16
N ILE A 179 -30.58 0.25 -9.88
CA ILE A 179 -29.71 0.28 -11.06
C ILE A 179 -30.58 0.14 -12.31
N ILE A 180 -30.49 1.14 -13.20
CA ILE A 180 -31.33 1.24 -14.37
C ILE A 180 -30.41 1.36 -15.57
N LEU A 181 -30.74 0.63 -16.64
CA LEU A 181 -30.11 0.84 -17.92
C LEU A 181 -31.16 1.40 -18.87
N THR A 182 -30.77 2.40 -19.66
CA THR A 182 -31.64 3.01 -20.66
C THR A 182 -31.24 2.50 -22.04
N THR A 183 -32.24 2.08 -22.83
CA THR A 183 -32.02 1.80 -24.23
C THR A 183 -33.34 2.00 -24.97
N GLY A 184 -33.29 2.68 -26.12
CA GLY A 184 -34.46 2.79 -26.99
C GLY A 184 -35.63 3.50 -26.31
N GLY A 185 -35.30 4.46 -25.43
CA GLY A 185 -36.27 5.21 -24.66
C GLY A 185 -36.93 4.39 -23.55
N LYS A 186 -36.40 3.19 -23.29
CA LYS A 186 -36.98 2.28 -22.32
C LYS A 186 -35.98 2.06 -21.18
N VAL A 187 -36.50 1.51 -20.08
CA VAL A 187 -35.70 1.30 -18.88
C VAL A 187 -35.73 -0.19 -18.52
N SER A 188 -34.58 -0.71 -18.07
CA SER A 188 -34.51 -2.05 -17.52
C SER A 188 -33.73 -2.01 -16.21
N ALA A 189 -34.01 -2.94 -15.30
CA ALA A 189 -33.47 -2.87 -13.94
C ALA A 189 -32.51 -4.01 -13.65
N TYR A 190 -31.59 -3.76 -12.71
CA TYR A 190 -30.66 -4.78 -12.24
C TYR A 190 -30.54 -4.72 -10.72
N GLY A 191 -30.35 -5.89 -10.08
CA GLY A 191 -30.15 -6.00 -8.65
C GLY A 191 -28.97 -6.90 -8.27
N LYS A 192 -29.04 -7.46 -7.05
CA LYS A 192 -27.98 -8.29 -6.49
C LYS A 192 -27.75 -9.52 -7.38
N GLY A 193 -26.47 -9.93 -7.51
CA GLY A 193 -26.10 -11.09 -8.31
C GLY A 193 -26.09 -10.87 -9.83
N SER A 194 -26.54 -9.69 -10.29
CA SER A 194 -26.73 -9.44 -11.72
C SER A 194 -25.45 -8.91 -12.32
N ARG A 195 -25.53 -8.51 -13.60
CA ARG A 195 -24.37 -7.96 -14.30
C ARG A 195 -23.76 -6.77 -13.56
N PHE A 196 -24.63 -5.94 -12.96
CA PHE A 196 -24.21 -4.75 -12.23
C PHE A 196 -24.45 -4.88 -10.73
N GLY A 197 -24.64 -6.13 -10.26
CA GLY A 197 -24.89 -6.41 -8.85
C GLY A 197 -23.79 -5.95 -7.91
N LEU A 198 -22.55 -5.76 -8.39
CA LEU A 198 -21.43 -5.43 -7.51
C LEU A 198 -21.65 -4.12 -6.77
N ILE A 199 -22.50 -3.23 -7.28
CA ILE A 199 -22.85 -2.02 -6.55
C ILE A 199 -23.44 -2.38 -5.18
N HIS A 200 -24.32 -3.39 -5.16
CA HIS A 200 -24.91 -3.86 -3.91
C HIS A 200 -23.99 -4.91 -3.29
N ASP A 201 -23.42 -5.81 -4.12
CA ASP A 201 -22.80 -7.04 -3.63
C ASP A 201 -21.36 -6.82 -3.15
N VAL A 202 -20.67 -5.78 -3.63
CA VAL A 202 -19.25 -5.59 -3.31
C VAL A 202 -19.04 -4.26 -2.59
N LEU A 203 -19.78 -3.23 -3.02
CA LEU A 203 -19.51 -1.85 -2.63
C LEU A 203 -20.47 -1.42 -1.50
N GLY A 204 -21.39 -2.31 -1.10
CA GLY A 204 -22.21 -2.16 0.10
C GLY A 204 -23.40 -1.21 0.00
N VAL A 205 -23.82 -0.86 -1.23
CA VAL A 205 -24.96 0.02 -1.46
C VAL A 205 -26.24 -0.80 -1.32
N PRO A 206 -27.14 -0.48 -0.37
CA PRO A 206 -28.37 -1.25 -0.22
C PRO A 206 -29.30 -1.16 -1.42
N ALA A 207 -30.03 -2.26 -1.67
CA ALA A 207 -30.96 -2.38 -2.78
C ALA A 207 -32.33 -1.80 -2.44
N ALA A 208 -32.83 -0.87 -3.28
CA ALA A 208 -34.21 -0.41 -3.20
C ALA A 208 -35.18 -1.58 -3.36
N ASP A 209 -34.85 -2.47 -4.31
CA ASP A 209 -35.59 -3.69 -4.62
C ASP A 209 -34.75 -4.94 -4.33
N PRO A 210 -34.72 -5.42 -3.07
CA PRO A 210 -33.97 -6.64 -2.72
C PRO A 210 -34.45 -7.93 -3.40
N ASN A 211 -35.67 -7.90 -3.95
CA ASN A 211 -36.25 -9.09 -4.55
C ASN A 211 -36.00 -9.14 -6.05
N LEU A 212 -35.31 -8.13 -6.60
CA LEU A 212 -35.00 -8.11 -8.02
C LEU A 212 -33.91 -9.15 -8.28
N LYS A 213 -34.28 -10.21 -9.04
CA LYS A 213 -33.43 -11.38 -9.32
C LYS A 213 -33.18 -11.45 -10.82
N VAL A 214 -32.08 -10.80 -11.24
CA VAL A 214 -31.79 -10.54 -12.64
C VAL A 214 -30.50 -11.26 -13.03
N THR A 215 -30.59 -12.06 -14.10
CA THR A 215 -29.47 -12.83 -14.62
C THR A 215 -29.30 -12.61 -16.12
N ASN A 216 -30.10 -11.69 -16.68
CA ASN A 216 -30.18 -11.39 -18.09
C ASN A 216 -29.16 -10.30 -18.41
N PRO A 217 -28.31 -10.36 -19.49
CA PRO A 217 -27.36 -9.28 -19.74
C PRO A 217 -27.94 -7.86 -19.81
N HIS A 218 -29.17 -7.72 -20.34
CA HIS A 218 -29.75 -6.42 -20.63
C HIS A 218 -30.80 -6.03 -19.59
N GLY A 219 -30.85 -6.83 -18.52
CA GLY A 219 -31.57 -6.51 -17.31
C GLY A 219 -33.04 -6.86 -17.45
N GLN A 220 -33.86 -6.42 -16.49
CA GLN A 220 -35.28 -6.75 -16.49
C GLN A 220 -36.10 -5.53 -16.88
N SER A 221 -36.99 -5.70 -17.89
CA SER A 221 -37.93 -4.65 -18.31
C SER A 221 -38.84 -4.23 -17.14
N VAL A 222 -38.92 -2.90 -16.94
CA VAL A 222 -39.73 -2.31 -15.89
C VAL A 222 -40.36 -1.04 -16.43
N SER A 223 -41.39 -0.55 -15.72
CA SER A 223 -42.06 0.69 -16.08
C SER A 223 -41.40 1.86 -15.35
N PHE A 224 -41.66 3.09 -15.82
CA PHE A 224 -41.27 4.27 -15.08
C PHE A 224 -42.03 4.29 -13.75
N GLU A 225 -43.25 3.74 -13.77
CA GLU A 225 -44.09 3.57 -12.59
C GLU A 225 -43.41 2.66 -11.56
N TYR A 226 -42.75 1.58 -12.02
CA TYR A 226 -42.01 0.71 -11.14
C TYR A 226 -40.89 1.47 -10.41
N ILE A 227 -40.17 2.35 -11.14
CA ILE A 227 -39.10 3.13 -10.55
C ILE A 227 -39.69 4.09 -9.51
N ALA A 228 -40.81 4.72 -9.88
CA ALA A 228 -41.48 5.67 -9.00
C ALA A 228 -41.93 4.96 -7.72
N GLU A 229 -42.39 3.71 -7.86
CA GLU A 229 -42.92 2.93 -6.75
C GLU A 229 -41.80 2.55 -5.78
N LYS A 230 -40.60 2.29 -6.30
CA LYS A 230 -39.48 1.87 -5.46
C LYS A 230 -38.84 3.08 -4.79
N ASN A 231 -39.02 4.26 -5.41
CA ASN A 231 -38.64 5.54 -4.83
C ASN A 231 -37.30 5.43 -4.09
N PRO A 232 -36.21 5.15 -4.84
CA PRO A 232 -34.86 5.07 -4.27
C PRO A 232 -34.23 6.41 -3.92
N ASP A 233 -33.31 6.37 -2.93
CA ASP A 233 -32.46 7.48 -2.56
C ASP A 233 -31.54 7.87 -3.70
N TYR A 234 -30.98 6.84 -4.37
CA TYR A 234 -30.03 6.98 -5.47
C TYR A 234 -30.49 6.15 -6.67
N LEU A 235 -30.27 6.71 -7.86
CA LEU A 235 -30.58 6.02 -9.09
C LEU A 235 -29.29 5.97 -9.93
N PHE A 236 -28.75 4.75 -10.12
CA PHE A 236 -27.59 4.57 -10.98
C PHE A 236 -28.05 4.27 -12.39
N VAL A 237 -27.59 5.07 -13.37
CA VAL A 237 -28.12 4.95 -14.71
C VAL A 237 -26.99 4.65 -15.70
N ILE A 238 -27.16 3.61 -16.51
CA ILE A 238 -26.15 3.23 -17.50
C ILE A 238 -26.78 3.45 -18.88
N ASP A 239 -26.19 4.38 -19.64
CA ASP A 239 -26.69 4.74 -20.97
C ASP A 239 -26.18 3.76 -22.03
N ARG A 240 -26.97 2.73 -22.30
CA ARG A 240 -26.57 1.76 -23.30
C ARG A 240 -26.49 2.37 -24.71
N ASP A 241 -27.44 3.23 -25.06
CA ASP A 241 -27.45 3.79 -26.41
C ASP A 241 -26.22 4.63 -26.69
N ALA A 242 -25.58 5.19 -25.66
CA ALA A 242 -24.41 6.03 -25.86
C ALA A 242 -23.29 5.24 -26.52
N VAL A 243 -23.21 3.93 -26.22
CA VAL A 243 -22.13 3.11 -26.74
C VAL A 243 -22.60 2.16 -27.85
N VAL A 244 -23.87 1.74 -27.84
CA VAL A 244 -24.38 0.82 -28.86
C VAL A 244 -24.82 1.61 -30.10
N GLU A 245 -25.45 2.77 -29.89
CA GLU A 245 -25.94 3.58 -31.01
C GLU A 245 -25.07 4.81 -31.27
N GLY A 246 -24.20 5.21 -30.34
CA GLY A 246 -23.37 6.40 -30.54
C GLY A 246 -24.04 7.73 -30.19
N LYS A 247 -25.18 7.71 -29.49
CA LYS A 247 -25.86 8.94 -29.08
C LYS A 247 -26.36 8.80 -27.65
N PRO A 248 -26.09 9.79 -26.78
CA PRO A 248 -26.57 9.74 -25.40
C PRO A 248 -28.09 9.90 -25.35
N THR A 249 -28.76 8.96 -24.68
CA THR A 249 -30.22 9.02 -24.54
C THR A 249 -30.67 8.88 -23.09
N ALA A 250 -29.74 8.81 -22.11
CA ALA A 250 -30.14 8.48 -20.76
C ALA A 250 -30.86 9.66 -20.09
N LYS A 251 -30.26 10.85 -20.13
CA LYS A 251 -30.86 12.04 -19.55
C LYS A 251 -32.30 12.23 -20.07
N GLN A 252 -32.45 12.16 -21.40
CA GLN A 252 -33.72 12.35 -22.09
C GLN A 252 -34.72 11.28 -21.64
N THR A 253 -34.27 10.03 -21.47
CA THR A 253 -35.15 8.92 -21.14
C THR A 253 -35.65 9.05 -19.70
N ILE A 254 -34.77 9.58 -18.84
CA ILE A 254 -35.07 9.79 -17.43
C ILE A 254 -36.00 11.00 -17.25
N GLU A 255 -36.02 11.91 -18.24
CA GLU A 255 -36.98 13.01 -18.27
C GLU A 255 -38.39 12.43 -18.42
N ASN A 256 -39.05 12.18 -17.27
CA ASN A 256 -40.31 11.46 -17.23
C ASN A 256 -41.08 11.84 -15.96
N ALA A 257 -42.41 12.01 -16.09
CA ALA A 257 -43.24 12.57 -15.03
C ALA A 257 -43.11 11.77 -13.73
N LEU A 258 -43.13 10.44 -13.83
CA LEU A 258 -43.20 9.59 -12.65
C LEU A 258 -41.83 9.49 -11.97
N VAL A 259 -40.74 9.59 -12.74
CA VAL A 259 -39.40 9.47 -12.18
C VAL A 259 -39.09 10.69 -11.31
N LYS A 260 -39.62 11.87 -11.71
CA LYS A 260 -39.30 13.11 -11.04
C LYS A 260 -39.92 13.13 -9.64
N LYS A 261 -40.73 12.12 -9.29
CA LYS A 261 -41.36 12.03 -7.98
C LYS A 261 -40.46 11.32 -6.98
N THR A 262 -39.35 10.74 -7.44
CA THR A 262 -38.49 9.99 -6.53
C THR A 262 -37.55 10.95 -5.79
N LYS A 263 -37.12 10.50 -4.60
CA LYS A 263 -36.08 11.16 -3.81
C LYS A 263 -34.77 11.33 -4.59
N ALA A 264 -34.43 10.33 -5.42
CA ALA A 264 -33.27 10.39 -6.30
C ALA A 264 -33.32 11.62 -7.21
N TYR A 265 -34.48 11.86 -7.85
CA TYR A 265 -34.58 13.00 -8.75
C TYR A 265 -34.50 14.25 -7.89
N GLN A 266 -35.32 14.32 -6.83
CA GLN A 266 -35.45 15.51 -5.99
C GLN A 266 -34.08 16.02 -5.55
N ASN A 267 -33.27 15.13 -4.98
CA ASN A 267 -32.09 15.50 -4.22
C ASN A 267 -30.87 15.62 -5.13
N GLY A 268 -31.07 15.45 -6.44
CA GLY A 268 -29.97 15.44 -7.40
C GLY A 268 -29.04 14.25 -7.18
N HIS A 269 -29.63 13.08 -6.93
CA HIS A 269 -28.87 11.85 -6.75
C HIS A 269 -29.20 10.88 -7.88
N ILE A 270 -29.27 11.40 -9.11
CA ILE A 270 -29.23 10.53 -10.27
C ILE A 270 -27.78 10.50 -10.79
N VAL A 271 -27.14 9.32 -10.73
CA VAL A 271 -25.74 9.18 -11.11
C VAL A 271 -25.64 8.45 -12.45
N TYR A 272 -25.05 9.12 -13.45
CA TYR A 272 -24.86 8.54 -14.77
C TYR A 272 -23.49 7.88 -14.82
N LEU A 273 -23.50 6.54 -14.81
CA LEU A 273 -22.30 5.73 -14.84
C LEU A 273 -21.81 5.66 -16.27
N ASP A 274 -20.50 5.68 -16.46
CA ASP A 274 -19.95 5.82 -17.81
C ASP A 274 -20.06 4.48 -18.51
N PRO A 275 -20.85 4.35 -19.59
CA PRO A 275 -21.06 3.05 -20.20
C PRO A 275 -19.82 2.52 -20.94
N ASN A 276 -18.87 3.40 -21.25
CA ASN A 276 -17.61 2.94 -21.82
C ASN A 276 -16.92 1.94 -20.89
N TYR A 277 -17.04 2.17 -19.57
CA TYR A 277 -16.49 1.28 -18.55
C TYR A 277 -17.51 0.22 -18.18
N TRP A 278 -18.74 0.62 -17.84
CA TRP A 278 -19.69 -0.28 -17.22
C TRP A 278 -20.26 -1.28 -18.21
N TYR A 279 -20.55 -0.82 -19.43
CA TYR A 279 -21.32 -1.61 -20.38
C TYR A 279 -20.41 -2.32 -21.40
N LEU A 280 -19.56 -1.55 -22.11
CA LEU A 280 -18.68 -2.12 -23.13
C LEU A 280 -17.56 -2.93 -22.49
N SER A 281 -17.22 -2.58 -21.26
CA SER A 281 -16.09 -3.16 -20.57
C SER A 281 -16.52 -3.66 -19.18
N GLY A 282 -15.58 -3.66 -18.24
CA GLY A 282 -15.80 -4.14 -16.88
C GLY A 282 -14.97 -5.39 -16.56
N GLY A 283 -14.66 -5.59 -15.28
CA GLY A 283 -13.97 -6.81 -14.85
C GLY A 283 -12.47 -6.78 -15.08
N GLY A 284 -11.92 -5.60 -15.40
CA GLY A 284 -10.47 -5.47 -15.50
C GLY A 284 -9.89 -4.58 -14.40
N LEU A 285 -8.56 -4.55 -14.31
CA LEU A 285 -7.90 -3.76 -13.27
C LEU A 285 -8.31 -2.29 -13.32
N THR A 286 -8.36 -1.73 -14.54
CA THR A 286 -8.63 -0.32 -14.71
C THR A 286 -10.13 -0.08 -14.67
N SER A 287 -10.91 -0.91 -15.37
CA SER A 287 -12.34 -0.71 -15.41
C SER A 287 -12.96 -0.87 -14.01
N VAL A 288 -12.57 -1.91 -13.25
CA VAL A 288 -13.13 -2.05 -11.91
C VAL A 288 -12.73 -0.87 -11.03
N SER A 289 -11.45 -0.46 -11.06
CA SER A 289 -11.02 0.71 -10.29
C SER A 289 -11.86 1.95 -10.65
N GLU A 290 -12.05 2.23 -11.94
CA GLU A 290 -12.79 3.42 -12.35
C GLU A 290 -14.28 3.31 -12.03
N MET A 291 -14.86 2.12 -12.16
CA MET A 291 -16.25 1.87 -11.78
C MET A 291 -16.48 2.25 -10.31
N ILE A 292 -15.55 1.83 -9.43
CA ILE A 292 -15.68 2.09 -8.01
C ILE A 292 -15.64 3.60 -7.75
N LYS A 293 -14.70 4.29 -8.40
CA LYS A 293 -14.57 5.74 -8.36
C LYS A 293 -15.85 6.45 -8.79
N GLN A 294 -16.52 5.94 -9.82
CA GLN A 294 -17.75 6.56 -10.29
C GLN A 294 -18.89 6.41 -9.28
N VAL A 295 -18.92 5.28 -8.56
CA VAL A 295 -19.89 5.07 -7.49
C VAL A 295 -19.55 6.01 -6.33
N GLU A 296 -18.29 6.00 -5.87
CA GLU A 296 -17.88 6.86 -4.77
C GLU A 296 -18.23 8.33 -5.03
N GLU A 297 -17.83 8.83 -6.20
CA GLU A 297 -18.08 10.22 -6.58
C GLU A 297 -19.58 10.51 -6.61
N GLY A 298 -20.39 9.54 -7.06
CA GLY A 298 -21.83 9.69 -7.14
C GLY A 298 -22.53 9.79 -5.78
N LEU A 299 -22.00 9.07 -4.77
CA LEU A 299 -22.60 9.04 -3.45
C LEU A 299 -22.20 10.30 -2.66
N LYS A 300 -20.88 10.53 -2.62
CA LYS A 300 -20.29 11.74 -2.09
C LYS A 300 -19.01 12.04 -2.90
N GLU B 25 -0.58 18.06 -0.77
CA GLU B 25 0.89 18.21 -0.90
C GLU B 25 1.48 18.98 0.28
N MET B 26 2.21 18.26 1.14
CA MET B 26 3.05 18.85 2.17
C MET B 26 4.30 19.44 1.54
N THR B 27 4.74 20.60 2.07
CA THR B 27 6.09 21.09 1.87
C THR B 27 6.85 20.91 3.19
N ILE B 28 7.82 19.99 3.17
CA ILE B 28 8.49 19.57 4.38
C ILE B 28 9.92 20.09 4.35
N LYS B 29 10.25 20.98 5.30
CA LYS B 29 11.57 21.54 5.46
C LYS B 29 12.33 20.71 6.49
N HIS B 30 13.31 19.94 6.03
CA HIS B 30 14.01 19.01 6.89
C HIS B 30 15.48 19.43 6.92
N GLN B 31 16.30 18.73 7.73
CA GLN B 31 17.68 19.15 7.98
C GLN B 31 18.50 19.18 6.69
N LEU B 32 18.14 18.39 5.68
CA LEU B 32 18.94 18.32 4.46
C LEU B 32 18.32 19.11 3.30
N GLY B 33 17.19 19.79 3.49
CA GLY B 33 16.52 20.38 2.34
C GLY B 33 15.01 20.44 2.50
N GLU B 34 14.34 20.45 1.36
CA GLU B 34 12.90 20.63 1.30
C GLU B 34 12.31 19.52 0.43
N ALA B 35 11.29 18.85 0.96
CA ALA B 35 10.59 17.82 0.20
C ALA B 35 9.13 18.22 0.03
N LYS B 36 8.61 17.95 -1.17
CA LYS B 36 7.19 18.01 -1.44
C LYS B 36 6.65 16.59 -1.57
N VAL B 37 5.68 16.27 -0.71
CA VAL B 37 5.19 14.91 -0.59
C VAL B 37 3.67 15.00 -0.50
N LYS B 38 3.00 14.18 -1.32
CA LYS B 38 1.55 14.08 -1.26
C LYS B 38 1.17 13.54 0.11
N LYS B 39 0.10 14.12 0.70
CA LYS B 39 -0.49 13.59 1.92
C LYS B 39 -0.99 12.17 1.64
N ASN B 40 -0.91 11.31 2.66
CA ASN B 40 -1.30 9.91 2.58
C ASN B 40 -0.60 9.24 1.41
N PRO B 41 0.75 9.34 1.30
CA PRO B 41 1.48 8.83 0.14
C PRO B 41 1.31 7.32 0.02
N GLU B 42 1.17 6.81 -1.22
CA GLU B 42 0.78 5.42 -1.45
C GLU B 42 1.96 4.48 -1.19
N LYS B 43 3.09 4.75 -1.85
CA LYS B 43 4.28 3.93 -1.73
C LYS B 43 5.31 4.60 -0.81
N VAL B 44 5.51 3.97 0.34
CA VAL B 44 6.33 4.48 1.42
C VAL B 44 7.55 3.58 1.59
N VAL B 45 8.73 4.18 1.45
CA VAL B 45 10.00 3.48 1.56
C VAL B 45 10.71 4.00 2.80
N VAL B 46 11.26 3.07 3.62
CA VAL B 46 11.75 3.43 4.95
C VAL B 46 13.18 2.91 5.16
N PHE B 47 14.17 3.80 5.37
CA PHE B 47 15.55 3.43 5.67
C PHE B 47 15.92 3.73 7.12
N ASP B 48 14.96 4.24 7.90
CA ASP B 48 15.14 4.47 9.32
C ASP B 48 14.19 3.57 10.10
N PHE B 49 14.74 2.74 10.99
CA PHE B 49 13.90 1.73 11.63
C PHE B 49 13.01 2.33 12.72
N GLY B 50 13.36 3.51 13.24
CA GLY B 50 12.44 4.18 14.17
C GLY B 50 11.17 4.64 13.47
N VAL B 51 11.32 5.22 12.27
CA VAL B 51 10.17 5.51 11.43
C VAL B 51 9.38 4.25 11.09
N LEU B 52 10.08 3.15 10.80
CA LEU B 52 9.38 1.92 10.49
C LEU B 52 8.54 1.49 11.71
N ASP B 53 9.09 1.56 12.93
CA ASP B 53 8.31 1.09 14.08
C ASP B 53 7.15 2.06 14.33
N THR B 54 7.32 3.33 13.94
CA THR B 54 6.25 4.31 14.11
C THR B 54 5.08 4.00 13.18
N LEU B 55 5.39 3.76 11.92
CA LEU B 55 4.40 3.41 10.93
C LEU B 55 3.71 2.09 11.28
N ASP B 56 4.46 1.13 11.86
CA ASP B 56 3.92 -0.12 12.35
C ASP B 56 2.85 0.18 13.41
N LYS B 57 3.24 1.00 14.41
CA LYS B 57 2.36 1.32 15.52
C LYS B 57 1.08 1.99 15.04
N LEU B 58 1.22 2.88 14.04
CA LEU B 58 0.10 3.68 13.56
C LEU B 58 -0.72 2.93 12.51
N GLY B 59 -0.28 1.73 12.15
CA GLY B 59 -0.98 0.89 11.20
C GLY B 59 -0.88 1.41 9.78
N VAL B 60 0.24 2.06 9.44
CA VAL B 60 0.44 2.62 8.12
C VAL B 60 1.21 1.61 7.27
N LYS B 61 0.72 1.39 6.05
CA LYS B 61 1.26 0.41 5.14
C LYS B 61 2.58 0.89 4.52
N VAL B 62 3.57 0.00 4.53
CA VAL B 62 4.91 0.28 4.07
C VAL B 62 5.17 -0.57 2.82
N THR B 63 5.85 0.01 1.81
CA THR B 63 6.13 -0.67 0.54
C THR B 63 7.49 -1.39 0.56
N ALA B 64 8.53 -0.75 1.11
CA ALA B 64 9.88 -1.31 1.03
C ALA B 64 10.77 -0.80 2.14
N LEU B 65 11.85 -1.56 2.37
CA LEU B 65 12.80 -1.23 3.41
C LEU B 65 14.06 -2.03 3.08
N PRO B 66 15.23 -1.64 3.63
CA PRO B 66 16.43 -2.46 3.53
C PRO B 66 16.29 -3.68 4.41
N GLN B 67 16.23 -4.85 3.78
CA GLN B 67 15.95 -6.07 4.55
C GLN B 67 17.22 -6.81 4.98
N MET B 68 18.42 -6.28 4.69
N MET B 68 18.40 -6.28 4.65
CA MET B 68 19.67 -6.98 4.99
CA MET B 68 19.64 -6.95 4.99
C MET B 68 19.91 -7.09 6.50
C MET B 68 19.73 -7.17 6.49
N ASN B 69 19.40 -6.13 7.28
CA ASN B 69 19.63 -6.17 8.71
C ASN B 69 18.47 -5.49 9.45
N VAL B 70 17.41 -6.27 9.68
CA VAL B 70 16.18 -5.79 10.28
C VAL B 70 16.22 -6.08 11.78
N PRO B 71 15.85 -5.11 12.67
CA PRO B 71 15.80 -5.37 14.10
C PRO B 71 14.87 -6.52 14.44
N LYS B 72 15.24 -7.25 15.49
CA LYS B 72 14.51 -8.41 15.98
C LYS B 72 13.04 -8.03 16.15
N TYR B 73 12.75 -6.91 16.81
CA TYR B 73 11.37 -6.59 17.13
C TYR B 73 10.59 -6.26 15.86
N LEU B 74 11.28 -5.94 14.74
CA LEU B 74 10.60 -5.59 13.50
C LEU B 74 10.67 -6.73 12.49
N GLU B 75 10.91 -7.96 12.97
CA GLU B 75 11.24 -9.07 12.11
C GLU B 75 10.10 -9.38 11.13
N LYS B 76 8.86 -8.96 11.38
CA LYS B 76 7.82 -9.22 10.40
C LYS B 76 8.07 -8.49 9.07
N TYR B 77 8.85 -7.40 9.09
CA TYR B 77 9.16 -6.67 7.86
C TYR B 77 10.26 -7.36 7.03
N LYS B 78 10.71 -8.53 7.48
CA LYS B 78 11.55 -9.40 6.67
C LYS B 78 10.71 -10.15 5.63
N SER B 79 9.38 -10.11 5.74
CA SER B 79 8.48 -10.75 4.80
C SER B 79 8.67 -10.24 3.37
N SER B 80 8.47 -11.16 2.42
CA SER B 80 8.45 -10.86 1.00
C SER B 80 7.27 -9.97 0.59
N ASP B 81 6.34 -9.67 1.51
CA ASP B 81 5.28 -8.71 1.26
C ASP B 81 5.83 -7.29 1.18
N TYR B 82 7.09 -7.13 1.63
CA TYR B 82 7.81 -5.87 1.52
C TYR B 82 8.92 -6.05 0.51
N GLN B 83 9.14 -5.01 -0.31
CA GLN B 83 10.22 -5.10 -1.26
C GLN B 83 11.52 -4.73 -0.56
N ASN B 84 12.60 -5.36 -1.05
CA ASN B 84 13.90 -5.27 -0.43
C ASN B 84 14.68 -4.19 -1.15
N VAL B 85 14.98 -3.06 -0.49
CA VAL B 85 15.75 -2.01 -1.14
C VAL B 85 17.16 -1.91 -0.56
N GLY B 86 17.68 -3.03 -0.08
CA GLY B 86 19.10 -3.23 0.08
C GLY B 86 19.51 -3.30 1.55
N SER B 87 20.50 -2.46 1.93
CA SER B 87 21.01 -2.38 3.27
C SER B 87 20.98 -0.94 3.76
N LEU B 88 21.24 -0.73 5.05
CA LEU B 88 21.21 0.60 5.63
C LEU B 88 22.18 1.52 4.90
N MET B 89 23.32 0.97 4.46
CA MET B 89 24.28 1.86 3.86
C MET B 89 24.43 1.69 2.35
N GLU B 90 23.80 0.67 1.76
CA GLU B 90 23.76 0.55 0.31
C GLU B 90 22.33 0.34 -0.16
N PRO B 91 21.59 1.41 -0.49
CA PRO B 91 20.31 1.29 -1.19
C PRO B 91 20.44 0.61 -2.54
N ASP B 92 19.41 -0.16 -2.87
CA ASP B 92 19.26 -0.71 -4.19
C ASP B 92 18.54 0.30 -5.07
N PHE B 93 19.34 1.12 -5.79
CA PHE B 93 18.80 2.22 -6.57
C PHE B 93 17.97 1.73 -7.75
N GLU B 94 18.34 0.56 -8.31
CA GLU B 94 17.57 -0.05 -9.40
C GLU B 94 16.16 -0.35 -8.91
N LYS B 95 16.07 -1.03 -7.75
CA LYS B 95 14.78 -1.40 -7.18
C LYS B 95 13.99 -0.13 -6.84
N LEU B 96 14.65 0.90 -6.28
CA LEU B 96 13.95 2.12 -5.90
C LEU B 96 13.34 2.78 -7.14
N SER B 97 14.09 2.72 -8.24
CA SER B 97 13.66 3.29 -9.51
C SER B 97 12.49 2.49 -10.07
N GLU B 98 12.49 1.17 -9.88
CA GLU B 98 11.36 0.34 -10.29
C GLU B 98 10.12 0.71 -9.49
N ILE B 99 10.29 0.96 -8.18
CA ILE B 99 9.19 1.19 -7.27
C ILE B 99 8.54 2.55 -7.54
N LYS B 100 9.39 3.57 -7.77
CA LYS B 100 8.96 4.94 -7.98
C LYS B 100 8.22 5.43 -6.73
N PRO B 101 8.91 5.52 -5.56
CA PRO B 101 8.27 5.84 -4.29
C PRO B 101 7.67 7.24 -4.21
N ASP B 102 6.63 7.35 -3.38
CA ASP B 102 5.96 8.61 -3.10
C ASP B 102 6.65 9.32 -1.93
N VAL B 103 7.33 8.54 -1.08
CA VAL B 103 8.19 9.11 -0.05
C VAL B 103 9.27 8.09 0.33
N ILE B 104 10.48 8.62 0.55
CA ILE B 104 11.62 7.89 1.05
C ILE B 104 12.05 8.55 2.36
N PHE B 105 11.97 7.82 3.48
CA PHE B 105 12.48 8.32 4.75
C PHE B 105 13.89 7.81 5.00
N ILE B 106 14.83 8.74 5.34
CA ILE B 106 16.20 8.41 5.67
C ILE B 106 16.62 9.06 6.98
N SER B 107 17.74 8.58 7.55
CA SER B 107 18.32 9.23 8.72
C SER B 107 19.85 9.24 8.53
N GLY B 108 20.61 9.32 9.62
CA GLY B 108 22.03 9.67 9.51
C GLY B 108 22.83 8.76 8.57
N ARG B 109 22.60 7.45 8.61
CA ARG B 109 23.36 6.51 7.80
C ARG B 109 23.23 6.75 6.29
N GLN B 110 22.13 7.36 5.82
CA GLN B 110 21.96 7.60 4.40
C GLN B 110 22.15 9.07 3.99
N ALA B 111 22.58 9.94 4.91
CA ALA B 111 22.60 11.37 4.61
C ALA B 111 23.46 11.67 3.37
N ASN B 112 24.57 10.94 3.19
CA ASN B 112 25.46 11.18 2.07
C ASN B 112 24.84 10.84 0.70
N LEU B 113 23.75 10.05 0.72
CA LEU B 113 23.09 9.59 -0.47
C LEU B 113 21.82 10.39 -0.74
N TYR B 114 21.62 11.51 -0.02
CA TYR B 114 20.40 12.29 -0.16
C TYR B 114 20.12 12.65 -1.62
N ASP B 115 21.11 13.16 -2.33
CA ASP B 115 20.88 13.64 -3.69
C ASP B 115 20.50 12.50 -4.65
N LYS B 116 21.16 11.36 -4.51
CA LYS B 116 20.85 10.20 -5.35
C LYS B 116 19.42 9.70 -5.09
N LEU B 117 19.01 9.72 -3.83
CA LEU B 117 17.68 9.20 -3.48
C LEU B 117 16.60 10.16 -3.97
N LYS B 118 16.86 11.47 -3.80
CA LYS B 118 15.92 12.53 -4.17
C LYS B 118 15.60 12.52 -5.67
N GLU B 119 16.56 12.08 -6.51
CA GLU B 119 16.37 11.94 -7.94
C GLU B 119 15.30 10.88 -8.24
N ILE B 120 15.11 9.91 -7.32
CA ILE B 120 14.20 8.79 -7.53
C ILE B 120 12.80 9.09 -6.95
N GLY B 121 12.74 9.65 -5.74
CA GLY B 121 11.48 10.06 -5.18
C GLY B 121 11.68 11.08 -4.07
N PRO B 122 10.59 11.73 -3.60
CA PRO B 122 10.67 12.67 -2.48
C PRO B 122 11.29 12.01 -1.26
N THR B 123 12.33 12.68 -0.75
CA THR B 123 13.21 12.15 0.28
C THR B 123 13.21 13.08 1.50
N VAL B 124 12.79 12.52 2.64
CA VAL B 124 12.71 13.26 3.88
C VAL B 124 13.75 12.71 4.85
N TYR B 125 14.64 13.61 5.30
CA TYR B 125 15.57 13.31 6.38
C TYR B 125 14.85 13.47 7.70
N ILE B 126 14.87 12.39 8.48
CA ILE B 126 14.09 12.33 9.70
C ILE B 126 14.92 11.70 10.82
N GLY B 127 16.24 11.91 10.76
CA GLY B 127 17.09 11.70 11.93
C GLY B 127 16.70 12.63 13.06
N ILE B 128 17.16 12.28 14.28
CA ILE B 128 17.01 13.11 15.47
C ILE B 128 18.20 14.06 15.60
N ASP B 129 17.91 15.33 15.93
CA ASP B 129 18.92 16.27 16.36
C ASP B 129 19.15 16.05 17.86
N THR B 130 20.29 15.45 18.21
CA THR B 130 20.51 14.95 19.57
C THR B 130 20.90 16.10 20.52
N GLN B 131 21.10 17.30 19.96
CA GLN B 131 21.19 18.51 20.77
C GLN B 131 19.82 18.93 21.31
N HIS B 132 18.74 18.48 20.66
CA HIS B 132 17.37 18.78 21.09
C HIS B 132 16.49 17.55 20.90
N TYR B 133 16.81 16.47 21.64
CA TYR B 133 16.25 15.15 21.39
C TYR B 133 14.73 15.18 21.47
N TRP B 134 14.17 15.69 22.59
CA TRP B 134 12.72 15.67 22.77
C TRP B 134 12.00 16.49 21.70
N ASP B 135 12.43 17.75 21.47
CA ASP B 135 11.77 18.58 20.48
C ASP B 135 11.87 17.94 19.10
N SER B 136 13.04 17.37 18.79
CA SER B 136 13.29 16.80 17.48
C SER B 136 12.42 15.56 17.26
N PHE B 137 12.45 14.66 18.25
CA PHE B 137 11.62 13.46 18.26
C PHE B 137 10.15 13.84 18.09
N THR B 138 9.68 14.81 18.90
CA THR B 138 8.31 15.30 18.87
C THR B 138 7.94 15.78 17.46
N ASN B 139 8.82 16.60 16.87
CA ASN B 139 8.55 17.16 15.55
C ASN B 139 8.43 16.05 14.51
N ASN B 140 9.36 15.09 14.55
CA ASN B 140 9.41 14.01 13.60
C ASN B 140 8.10 13.20 13.64
N MET B 141 7.63 12.91 14.86
CA MET B 141 6.44 12.11 15.08
C MET B 141 5.20 12.90 14.63
N LYS B 142 5.14 14.20 14.97
CA LYS B 142 4.06 15.05 14.50
C LYS B 142 3.98 15.11 12.97
N LEU B 143 5.15 15.18 12.29
CA LEU B 143 5.16 15.20 10.84
C LEU B 143 4.51 13.93 10.27
N ILE B 144 4.91 12.78 10.82
CA ILE B 144 4.33 11.52 10.40
C ILE B 144 2.82 11.54 10.62
N GLY B 145 2.36 12.02 11.77
CA GLY B 145 0.95 12.18 12.07
C GLY B 145 0.22 12.99 11.00
N GLN B 146 0.78 14.14 10.62
CA GLN B 146 0.17 14.99 9.59
C GLN B 146 0.15 14.27 8.25
N MET B 147 1.22 13.53 7.96
CA MET B 147 1.39 12.96 6.64
C MET B 147 0.40 11.81 6.41
N PHE B 148 -0.02 11.12 7.48
CA PHE B 148 -0.83 9.92 7.33
C PHE B 148 -2.16 10.05 8.05
N GLY B 149 -2.46 11.24 8.58
CA GLY B 149 -3.75 11.51 9.18
C GLY B 149 -3.87 10.84 10.53
N LYS B 150 -2.74 10.76 11.24
CA LYS B 150 -2.65 10.06 12.51
C LYS B 150 -2.29 11.02 13.63
N GLU B 151 -2.76 12.28 13.53
CA GLU B 151 -2.40 13.31 14.49
C GLU B 151 -2.81 12.91 15.91
N LYS B 152 -4.05 12.41 16.01
CA LYS B 152 -4.66 12.02 17.27
C LYS B 152 -3.82 10.91 17.91
N GLU B 153 -3.53 9.87 17.11
CA GLU B 153 -2.85 8.67 17.60
C GLU B 153 -1.44 9.03 18.04
N VAL B 154 -0.76 9.87 17.25
CA VAL B 154 0.58 10.31 17.64
C VAL B 154 0.51 11.08 18.97
N ASP B 155 -0.40 12.06 19.09
CA ASP B 155 -0.50 12.85 20.31
C ASP B 155 -0.59 11.95 21.54
N GLU B 156 -1.48 10.95 21.46
CA GLU B 156 -1.73 9.99 22.54
C GLU B 156 -0.44 9.29 22.94
N GLU B 157 0.30 8.77 21.95
CA GLU B 157 1.50 8.00 22.23
C GLU B 157 2.58 8.89 22.83
N LEU B 158 2.71 10.13 22.34
CA LEU B 158 3.72 11.03 22.89
C LEU B 158 3.42 11.33 24.35
N ALA B 159 2.12 11.40 24.68
CA ALA B 159 1.67 11.68 26.05
C ALA B 159 2.16 10.56 26.98
N ASN B 160 2.03 9.31 26.52
CA ASN B 160 2.42 8.16 27.30
C ASN B 160 3.92 8.12 27.53
N ILE B 161 4.67 8.50 26.48
CA ILE B 161 6.12 8.52 26.56
C ILE B 161 6.55 9.59 27.58
N GLU B 162 5.94 10.78 27.51
CA GLU B 162 6.18 11.81 28.53
C GLU B 162 6.08 11.20 29.94
N LYS B 163 5.05 10.36 30.14
CA LYS B 163 4.82 9.78 31.44
C LYS B 163 5.97 8.87 31.83
N GLN B 164 6.50 8.13 30.84
CA GLN B 164 7.61 7.23 31.11
C GLN B 164 8.83 8.03 31.55
N ILE B 165 9.00 9.24 30.98
CA ILE B 165 10.18 10.06 31.22
C ILE B 165 10.15 10.63 32.63
N GLU B 166 9.02 11.19 33.03
CA GLU B 166 8.89 11.78 34.36
C GLU B 166 9.06 10.69 35.42
N GLU B 167 8.58 9.47 35.11
CA GLU B 167 8.74 8.33 35.99
C GLU B 167 10.21 7.90 36.08
N VAL B 168 10.96 7.95 34.97
CA VAL B 168 12.36 7.57 35.00
C VAL B 168 13.19 8.64 35.71
N LYS B 169 12.83 9.94 35.53
CA LYS B 169 13.58 11.04 36.11
C LYS B 169 13.70 10.94 37.64
N THR B 170 12.73 10.28 38.29
CA THR B 170 12.67 10.26 39.75
C THR B 170 13.73 9.30 40.31
N LYS B 171 13.96 8.17 39.63
CA LYS B 171 14.96 7.22 40.11
C LYS B 171 16.36 7.77 39.81
N ALA B 172 16.45 8.50 38.70
CA ALA B 172 17.71 8.81 38.05
C ALA B 172 18.59 9.70 38.92
N ALA B 173 17.97 10.53 39.77
CA ALA B 173 18.67 11.49 40.60
C ALA B 173 19.74 10.80 41.45
N ASP B 174 20.96 11.38 41.45
CA ASP B 174 22.06 10.96 42.31
C ASP B 174 22.66 9.64 41.86
N LYS B 175 22.86 9.47 40.55
CA LYS B 175 23.36 8.23 40.01
C LYS B 175 24.15 8.50 38.72
N LYS B 176 25.47 8.66 38.86
CA LYS B 176 26.32 8.97 37.72
C LYS B 176 26.37 7.79 36.75
N ALA B 177 26.20 8.07 35.45
CA ALA B 177 26.26 7.00 34.47
C ALA B 177 27.28 7.34 33.38
N LEU B 178 27.86 6.27 32.82
CA LEU B 178 28.65 6.33 31.61
C LEU B 178 27.95 5.43 30.60
N ILE B 179 27.89 5.89 29.34
CA ILE B 179 27.32 5.12 28.25
C ILE B 179 28.47 4.61 27.40
N ILE B 180 28.54 3.28 27.22
CA ILE B 180 29.63 2.64 26.49
C ILE B 180 29.03 1.71 25.41
N LEU B 181 29.65 1.77 24.23
CA LEU B 181 29.39 0.83 23.14
C LEU B 181 30.58 -0.12 22.99
N THR B 182 30.30 -1.42 22.79
CA THR B 182 31.32 -2.44 22.56
C THR B 182 31.36 -2.78 21.08
N THR B 183 32.54 -2.67 20.46
CA THR B 183 32.75 -3.21 19.12
C THR B 183 34.21 -3.65 18.96
N GLY B 184 34.37 -4.87 18.43
CA GLY B 184 35.67 -5.41 18.08
C GLY B 184 36.56 -5.60 19.31
N GLY B 185 35.95 -5.92 20.46
CA GLY B 185 36.65 -6.05 21.72
C GLY B 185 37.03 -4.70 22.34
N LYS B 186 36.69 -3.60 21.65
CA LYS B 186 36.98 -2.27 22.12
C LYS B 186 35.74 -1.65 22.75
N VAL B 187 35.97 -0.49 23.40
CA VAL B 187 34.91 0.31 24.01
C VAL B 187 35.01 1.76 23.53
N SER B 188 33.83 2.39 23.37
CA SER B 188 33.75 3.80 23.06
C SER B 188 32.67 4.43 23.96
N ALA B 189 32.80 5.73 24.22
CA ALA B 189 31.93 6.41 25.17
C ALA B 189 31.07 7.48 24.49
N TYR B 190 29.90 7.72 25.12
CA TYR B 190 28.99 8.80 24.75
C TYR B 190 28.56 9.58 25.98
N GLY B 191 28.34 10.88 25.76
CA GLY B 191 27.86 11.77 26.79
C GLY B 191 26.69 12.63 26.33
N LYS B 192 26.50 13.77 27.01
CA LYS B 192 25.40 14.67 26.73
C LYS B 192 25.44 15.15 25.28
N GLY B 193 24.25 15.25 24.67
CA GLY B 193 24.10 15.83 23.34
C GLY B 193 24.48 14.88 22.21
N SER B 194 24.93 13.67 22.57
CA SER B 194 25.44 12.69 21.62
C SER B 194 24.31 11.78 21.15
N ARG B 195 24.64 10.81 20.28
CA ARG B 195 23.70 9.81 19.81
C ARG B 195 22.89 9.20 20.97
N PHE B 196 23.54 8.91 22.12
CA PHE B 196 22.84 8.26 23.22
C PHE B 196 22.70 9.19 24.43
N GLY B 197 22.96 10.48 24.20
CA GLY B 197 22.85 11.48 25.23
C GLY B 197 21.45 11.59 25.86
N LEU B 198 20.41 10.99 25.26
CA LEU B 198 19.07 11.09 25.83
C LEU B 198 19.01 10.52 27.26
N ILE B 199 19.87 9.55 27.60
CA ILE B 199 19.91 8.94 28.91
C ILE B 199 20.18 10.04 29.95
N HIS B 200 21.02 11.02 29.58
CA HIS B 200 21.37 12.16 30.44
C HIS B 200 20.41 13.34 30.18
N ASP B 201 20.18 13.67 28.90
CA ASP B 201 19.55 14.93 28.52
C ASP B 201 18.02 14.90 28.65
N VAL B 202 17.42 13.71 28.62
CA VAL B 202 15.97 13.58 28.57
C VAL B 202 15.48 12.79 29.79
N LEU B 203 16.22 11.74 30.20
CA LEU B 203 15.76 10.79 31.21
C LEU B 203 16.33 11.12 32.60
N GLY B 204 17.24 12.10 32.70
CA GLY B 204 17.65 12.68 33.97
C GLY B 204 18.71 11.90 34.75
N VAL B 205 19.44 11.00 34.08
CA VAL B 205 20.55 10.30 34.73
C VAL B 205 21.77 11.23 34.64
N PRO B 206 22.41 11.63 35.77
CA PRO B 206 23.64 12.43 35.69
C PRO B 206 24.76 11.72 34.94
N ALA B 207 25.59 12.51 34.24
CA ALA B 207 26.75 12.03 33.51
C ALA B 207 27.98 11.96 34.41
N ALA B 208 28.60 10.78 34.46
CA ALA B 208 29.86 10.57 35.15
C ALA B 208 30.96 11.51 34.66
N ASP B 209 30.97 11.83 33.35
CA ASP B 209 31.89 12.79 32.78
C ASP B 209 31.11 13.82 31.99
N PRO B 210 30.82 15.03 32.55
CA PRO B 210 30.07 16.05 31.84
C PRO B 210 30.90 16.89 30.86
N ASN B 211 32.20 16.58 30.75
CA ASN B 211 33.07 17.24 29.78
C ASN B 211 33.18 16.43 28.49
N LEU B 212 32.61 15.22 28.49
CA LEU B 212 32.62 14.37 27.30
C LEU B 212 31.66 14.96 26.28
N LYS B 213 32.19 15.59 25.20
CA LYS B 213 31.38 16.10 24.11
C LYS B 213 31.59 15.23 22.88
N VAL B 214 30.57 14.45 22.52
CA VAL B 214 30.69 13.43 21.49
C VAL B 214 29.65 13.75 20.41
N THR B 215 30.11 13.79 19.16
CA THR B 215 29.23 14.13 18.05
C THR B 215 29.26 13.07 16.96
N ASN B 216 30.12 12.05 17.05
CA ASN B 216 30.22 11.09 15.95
C ASN B 216 29.41 9.85 16.30
N PRO B 217 28.90 9.13 15.26
CA PRO B 217 27.97 8.03 15.46
C PRO B 217 28.49 6.90 16.35
N HIS B 218 29.80 6.59 16.26
CA HIS B 218 30.36 5.42 16.93
C HIS B 218 31.10 5.79 18.23
N GLY B 219 30.93 7.02 18.70
CA GLY B 219 31.41 7.44 20.01
C GLY B 219 32.90 7.77 20.04
N GLN B 220 33.42 8.07 21.23
CA GLN B 220 34.82 8.44 21.39
C GLN B 220 35.56 7.25 21.98
N SER B 221 36.69 6.84 21.37
CA SER B 221 37.53 5.77 21.91
C SER B 221 37.92 6.09 23.36
N VAL B 222 37.79 5.09 24.24
CA VAL B 222 38.31 5.20 25.60
C VAL B 222 38.89 3.87 26.05
N SER B 223 39.76 3.94 27.07
CA SER B 223 40.39 2.76 27.63
C SER B 223 39.50 2.14 28.70
N PHE B 224 39.91 0.95 29.17
CA PHE B 224 39.28 0.30 30.32
C PHE B 224 39.70 1.00 31.60
N GLU B 225 40.86 1.68 31.57
CA GLU B 225 41.37 2.42 32.71
C GLU B 225 40.54 3.70 32.90
N TYR B 226 40.05 4.26 31.79
CA TYR B 226 39.19 5.44 31.82
C TYR B 226 37.85 5.10 32.47
N ILE B 227 37.32 3.90 32.17
CA ILE B 227 36.05 3.45 32.70
C ILE B 227 36.18 3.20 34.20
N ALA B 228 37.25 2.49 34.59
CA ALA B 228 37.53 2.18 36.00
C ALA B 228 37.63 3.48 36.81
N GLU B 229 38.37 4.46 36.26
CA GLU B 229 38.53 5.75 36.90
C GLU B 229 37.18 6.34 37.29
N LYS B 230 36.31 6.55 36.29
CA LYS B 230 35.02 7.21 36.51
C LYS B 230 34.18 6.40 37.50
N ASN B 231 34.38 5.08 37.53
CA ASN B 231 33.72 4.21 38.48
C ASN B 231 32.24 4.60 38.57
N PRO B 232 31.51 4.73 37.44
CA PRO B 232 30.11 5.17 37.50
C PRO B 232 29.27 4.22 38.34
N ASP B 233 28.21 4.74 38.97
CA ASP B 233 27.25 3.93 39.70
C ASP B 233 26.51 2.99 38.72
N TYR B 234 26.30 3.46 37.48
CA TYR B 234 25.61 2.70 36.44
C TYR B 234 26.45 2.66 35.18
N LEU B 235 26.39 1.52 34.46
CA LEU B 235 27.15 1.36 33.23
C LEU B 235 26.17 0.85 32.17
N PHE B 236 25.88 1.71 31.19
CA PHE B 236 24.95 1.38 30.12
C PHE B 236 25.76 0.89 28.94
N VAL B 237 25.51 -0.35 28.52
CA VAL B 237 26.35 -0.98 27.50
C VAL B 237 25.48 -1.37 26.31
N ILE B 238 25.96 -0.97 25.14
CA ILE B 238 25.30 -1.27 23.89
C ILE B 238 26.23 -2.15 23.03
N ASP B 239 25.75 -3.36 22.71
CA ASP B 239 26.54 -4.37 22.01
C ASP B 239 26.40 -4.21 20.49
N ARG B 240 27.31 -3.44 19.89
CA ARG B 240 27.23 -3.15 18.46
C ARG B 240 27.43 -4.44 17.64
N ASP B 241 28.38 -5.27 18.05
CA ASP B 241 28.68 -6.48 17.30
C ASP B 241 27.50 -7.46 17.28
N ALA B 242 26.63 -7.45 18.32
CA ALA B 242 25.46 -8.32 18.29
C ALA B 242 24.63 -8.07 17.01
N VAL B 243 24.59 -6.83 16.51
CA VAL B 243 23.73 -6.48 15.40
C VAL B 243 24.50 -6.25 14.10
N VAL B 244 25.75 -5.81 14.18
CA VAL B 244 26.53 -5.56 12.99
C VAL B 244 27.17 -6.85 12.51
N GLU B 245 27.73 -7.65 13.44
CA GLU B 245 28.43 -8.90 13.11
C GLU B 245 27.55 -10.14 13.34
N GLY B 246 26.41 -10.03 14.05
CA GLY B 246 25.56 -11.17 14.37
C GLY B 246 26.07 -12.03 15.54
N LYS B 247 26.98 -11.49 16.35
CA LYS B 247 27.63 -12.23 17.41
C LYS B 247 27.66 -11.40 18.70
N PRO B 248 27.10 -11.88 19.83
CA PRO B 248 27.08 -11.10 21.06
C PRO B 248 28.51 -11.02 21.61
N THR B 249 29.03 -9.81 21.82
CA THR B 249 30.39 -9.66 22.33
C THR B 249 30.42 -8.77 23.57
N ALA B 250 29.25 -8.30 24.05
CA ALA B 250 29.24 -7.28 25.08
C ALA B 250 29.80 -7.83 26.39
N LYS B 251 29.16 -8.89 26.91
CA LYS B 251 29.51 -9.47 28.21
C LYS B 251 31.01 -9.72 28.26
N GLN B 252 31.52 -10.42 27.25
CA GLN B 252 32.86 -10.99 27.28
C GLN B 252 33.90 -9.89 27.06
N THR B 253 33.47 -8.74 26.52
CA THR B 253 34.33 -7.58 26.31
C THR B 253 34.49 -6.74 27.58
N ILE B 254 33.42 -6.62 28.36
CA ILE B 254 33.34 -5.59 29.39
C ILE B 254 33.93 -6.15 30.70
N GLU B 255 33.38 -7.27 31.20
CA GLU B 255 33.82 -7.81 32.48
C GLU B 255 35.26 -8.32 32.34
N ASN B 256 36.20 -7.48 32.80
CA ASN B 256 37.62 -7.81 32.81
C ASN B 256 38.24 -7.30 34.11
N ALA B 257 39.56 -7.00 34.08
CA ALA B 257 40.32 -6.65 35.27
C ALA B 257 39.89 -5.28 35.80
N LEU B 258 40.15 -4.21 35.03
CA LEU B 258 39.89 -2.83 35.44
C LEU B 258 38.39 -2.61 35.62
N VAL B 259 37.55 -3.31 34.84
CA VAL B 259 36.15 -2.98 34.65
C VAL B 259 35.25 -3.70 35.69
N LYS B 260 35.99 -4.59 36.51
CA LYS B 260 35.27 -5.30 37.57
C LYS B 260 35.47 -4.58 38.92
N LYS B 261 36.43 -3.62 38.93
CA LYS B 261 36.75 -2.87 40.15
C LYS B 261 35.59 -1.96 40.55
N THR B 262 34.83 -1.52 39.52
CA THR B 262 33.92 -0.38 39.59
C THR B 262 32.67 -0.74 40.39
N LYS B 263 31.96 0.33 40.83
CA LYS B 263 30.67 0.23 41.50
C LYS B 263 29.70 -0.58 40.64
N ALA B 264 29.57 -0.13 39.37
CA ALA B 264 28.62 -0.70 38.42
C ALA B 264 28.67 -2.24 38.47
N TYR B 265 29.90 -2.86 38.54
CA TYR B 265 29.94 -4.32 38.59
C TYR B 265 29.37 -4.88 39.91
N GLN B 266 30.01 -4.50 41.03
CA GLN B 266 29.74 -5.09 42.33
C GLN B 266 28.24 -5.23 42.57
N ASN B 267 27.47 -4.18 42.20
CA ASN B 267 26.09 -4.03 42.60
C ASN B 267 25.15 -4.72 41.62
N GLY B 268 25.69 -5.22 40.51
CA GLY B 268 24.90 -5.78 39.41
C GLY B 268 24.18 -4.67 38.66
N HIS B 269 24.91 -3.58 38.36
CA HIS B 269 24.34 -2.40 37.72
C HIS B 269 25.06 -2.15 36.39
N ILE B 270 25.49 -3.25 35.76
CA ILE B 270 25.86 -3.23 34.35
C ILE B 270 24.60 -3.52 33.55
N VAL B 271 24.10 -2.51 32.81
CA VAL B 271 22.87 -2.68 32.04
C VAL B 271 23.20 -2.82 30.57
N TYR B 272 22.81 -3.97 30.01
CA TYR B 272 22.98 -4.27 28.60
C TYR B 272 21.71 -3.86 27.86
N LEU B 273 21.79 -2.70 27.21
CA LEU B 273 20.70 -2.15 26.41
C LEU B 273 20.62 -2.94 25.12
N ASP B 274 19.39 -3.19 24.64
CA ASP B 274 19.18 -4.05 23.49
C ASP B 274 19.59 -3.29 22.24
N PRO B 275 20.66 -3.70 21.53
CA PRO B 275 21.13 -2.97 20.34
C PRO B 275 20.18 -2.99 19.14
N ASN B 276 19.23 -3.92 19.13
CA ASN B 276 18.16 -3.94 18.14
C ASN B 276 17.33 -2.66 18.19
N TYR B 277 17.15 -2.13 19.41
CA TYR B 277 16.46 -0.87 19.60
C TYR B 277 17.44 0.31 19.54
N TRP B 278 18.53 0.25 20.33
CA TRP B 278 19.36 1.42 20.57
C TRP B 278 20.25 1.72 19.37
N TYR B 279 20.71 0.67 18.68
CA TYR B 279 21.74 0.86 17.68
C TYR B 279 21.14 0.82 16.26
N LEU B 280 20.43 -0.27 15.92
CA LEU B 280 19.84 -0.39 14.60
C LEU B 280 18.66 0.56 14.44
N SER B 281 18.01 0.96 15.54
CA SER B 281 16.78 1.72 15.48
C SER B 281 16.90 2.95 16.39
N GLY B 282 15.77 3.38 16.98
CA GLY B 282 15.74 4.58 17.78
C GLY B 282 14.94 5.70 17.12
N GLY B 283 14.36 6.58 17.96
CA GLY B 283 13.64 7.75 17.49
C GLY B 283 12.24 7.46 16.97
N GLY B 284 11.69 6.26 17.25
CA GLY B 284 10.31 5.94 16.92
C GLY B 284 9.43 5.81 18.17
N LEU B 285 8.12 5.76 17.95
CA LEU B 285 7.16 5.63 19.04
C LEU B 285 7.41 4.37 19.86
N THR B 286 7.69 3.24 19.18
CA THR B 286 7.91 1.99 19.89
C THR B 286 9.34 1.95 20.45
N SER B 287 10.33 2.26 19.59
CA SER B 287 11.71 2.21 20.02
C SER B 287 11.97 3.17 21.19
N VAL B 288 11.48 4.42 21.17
CA VAL B 288 11.75 5.32 22.29
C VAL B 288 11.11 4.78 23.57
N SER B 289 9.87 4.31 23.46
CA SER B 289 9.14 3.76 24.61
C SER B 289 9.92 2.60 25.24
N GLU B 290 10.41 1.68 24.38
CA GLU B 290 11.13 0.50 24.84
C GLU B 290 12.50 0.87 25.45
N MET B 291 13.18 1.85 24.84
CA MET B 291 14.47 2.33 25.33
C MET B 291 14.35 2.86 26.76
N ILE B 292 13.27 3.59 27.04
CA ILE B 292 13.04 4.16 28.35
C ILE B 292 12.79 3.05 29.38
N LYS B 293 12.01 2.03 29.01
CA LYS B 293 11.81 0.85 29.84
C LYS B 293 13.13 0.17 30.18
N GLN B 294 14.03 0.04 29.20
CA GLN B 294 15.27 -0.67 29.43
C GLN B 294 16.16 0.08 30.41
N VAL B 295 16.05 1.41 30.39
CA VAL B 295 16.82 2.27 31.29
C VAL B 295 16.25 2.18 32.70
N GLU B 296 14.91 2.20 32.81
CA GLU B 296 14.23 2.15 34.08
C GLU B 296 14.40 0.79 34.76
N GLU B 297 14.24 -0.31 34.02
CA GLU B 297 14.41 -1.64 34.59
C GLU B 297 15.87 -1.87 34.97
N GLY B 298 16.79 -1.20 34.26
CA GLY B 298 18.22 -1.31 34.55
C GLY B 298 18.63 -0.56 35.83
N LEU B 299 17.80 0.39 36.28
CA LEU B 299 18.11 1.22 37.43
C LEU B 299 17.77 0.50 38.74
N LYS B 300 17.17 -0.71 38.65
CA LYS B 300 17.11 -1.67 39.74
C LYS B 300 16.41 -2.95 39.26
#